data_8QWT
#
_entry.id   8QWT
#
_cell.length_a   47.790
_cell.length_b   56.640
_cell.length_c   109.510
_cell.angle_alpha   90.000
_cell.angle_beta   90.000
_cell.angle_gamma   90.000
#
_symmetry.space_group_name_H-M   'P 21 21 21'
#
loop_
_entity.id
_entity.type
_entity.pdbx_description
1 polymer Peroxidase
2 non-polymer 'PROTOPORPHYRIN IX CONTAINING FE'
3 non-polymer 'MANGANESE (II) ION'
4 non-polymer 'CALCIUM ION'
5 non-polymer 'MAGNESIUM ION'
6 non-polymer 'TETRAETHYLENE GLYCOL'
7 non-polymer GLYCEROL
8 water water
#
_entity_poly.entity_id   1
_entity_poly.type   'polypeptide(L)'
_entity_poly.pdbx_seq_one_letter_code
;VTCPDGHVTANRACCALFPVVQNLQENLFDGGECGEEAHSALRLSFHDAIGFSLNSNKGGGADGSILLFNATELTFHANG
GIDDITSRQFPVFETTGLTPGDFVHLAGAVGTANCPGAPRLQFMFGRPPPIAPAPDLTVPEPTDDVDAILARFADAGFDA
SEVVALLSSHTIAAADVVDVTIPGTPFDSTVGTFDTQVFLEVLLAGRSFPGNGSQPGEVLSPLAGEMRLQSDFVVSRDSR
TACLWQAMVNNQQLMVSSFAAAMAKLQVLGQNVNTMVDCSDVIPEPAPFAGPIKFPASFSMADVEQACASTFPQIQTVAG
PAPTVAPVPGS
;
_entity_poly.pdbx_strand_id   A
#
# COMPACT_ATOMS: atom_id res chain seq x y z
N VAL A 1 -10.80 13.16 27.95
CA VAL A 1 -9.40 13.48 28.38
C VAL A 1 -8.85 14.60 27.53
N THR A 2 -8.29 15.64 28.17
CA THR A 2 -7.50 16.64 27.49
C THR A 2 -6.03 16.29 27.76
N CYS A 3 -5.32 16.01 26.68
CA CYS A 3 -3.89 15.70 26.74
C CYS A 3 -3.19 16.96 27.19
N PRO A 4 -2.00 16.85 27.83
CA PRO A 4 -1.30 18.07 28.24
C PRO A 4 -0.97 18.93 27.01
N ASP A 5 -0.87 18.26 25.87
CA ASP A 5 -0.78 18.77 24.51
C ASP A 5 -1.98 19.62 24.08
N GLY A 6 -3.12 19.52 24.78
CA GLY A 6 -4.32 20.25 24.40
C GLY A 6 -5.35 19.37 23.67
N HIS A 7 -4.86 18.46 22.80
CA HIS A 7 -5.71 17.49 22.11
C HIS A 7 -6.65 16.78 23.08
N VAL A 8 -7.85 16.50 22.59
CA VAL A 8 -8.81 15.72 23.34
C VAL A 8 -8.87 14.31 22.76
N THR A 9 -9.04 13.31 23.62
CA THR A 9 -9.06 11.94 23.15
C THR A 9 -9.88 11.11 24.12
N ALA A 10 -10.25 9.91 23.68
CA ALA A 10 -11.07 8.98 24.42
C ALA A 10 -10.23 8.30 25.48
N ASN A 11 -8.96 7.98 25.17
CA ASN A 11 -8.09 7.22 26.05
C ASN A 11 -6.78 7.97 26.26
N ARG A 12 -6.40 8.18 27.54
CA ARG A 12 -5.18 8.88 27.94
C ARG A 12 -3.95 8.26 27.28
N ALA A 13 -4.00 6.97 26.98
CA ALA A 13 -2.85 6.29 26.42
C ALA A 13 -2.54 6.81 25.02
N CYS A 14 -3.49 7.49 24.39
CA CYS A 14 -3.26 8.00 23.05
C CYS A 14 -2.51 9.35 23.08
N CYS A 15 -2.37 9.96 24.27
CA CYS A 15 -1.79 11.30 24.36
C CYS A 15 -0.38 11.39 23.77
N ALA A 16 0.44 10.36 23.93
CA ALA A 16 1.80 10.36 23.41
C ALA A 16 1.81 10.50 21.90
N LEU A 17 0.71 10.12 21.25
CA LEU A 17 0.78 9.94 19.80
C LEU A 17 0.55 11.26 19.07
N PHE A 18 -0.16 12.22 19.67
CA PHE A 18 -0.40 13.47 18.96
C PHE A 18 0.92 14.16 18.57
N PRO A 19 1.90 14.33 19.49
CA PRO A 19 3.20 14.86 19.09
C PRO A 19 3.96 13.99 18.09
N VAL A 20 3.83 12.66 18.21
CA VAL A 20 4.51 11.78 17.26
C VAL A 20 3.94 12.02 15.88
N VAL A 21 2.61 12.11 15.77
CA VAL A 21 2.03 12.31 14.45
C VAL A 21 2.53 13.64 13.86
N GLN A 22 2.64 14.67 14.68
CA GLN A 22 3.20 15.95 14.20
C GLN A 22 4.64 15.80 13.71
N ASN A 23 5.43 15.05 14.46
CA ASN A 23 6.81 14.71 14.09
C ASN A 23 6.81 14.01 12.74
N LEU A 24 6.00 12.95 12.60
CA LEU A 24 5.91 12.28 11.31
C LEU A 24 5.58 13.26 10.18
N GLN A 25 4.54 14.07 10.37
CA GLN A 25 4.07 14.92 9.29
C GLN A 25 5.14 15.91 8.85
N GLU A 26 5.87 16.45 9.82
CA GLU A 26 6.91 17.43 9.54
C GLU A 26 8.19 16.78 9.00
N ASN A 27 8.67 15.74 9.69
CA ASN A 27 10.02 15.22 9.51
C ASN A 27 10.13 13.94 8.68
N LEU A 28 9.01 13.27 8.42
CA LEU A 28 8.96 12.11 7.53
C LEU A 28 8.19 12.45 6.26
N PHE A 29 7.01 13.08 6.35
CA PHE A 29 6.13 13.29 5.21
C PHE A 29 6.19 14.69 4.59
N ASP A 30 7.23 15.45 4.92
CA ASP A 30 7.50 16.73 4.25
C ASP A 30 6.32 17.67 4.33
N GLY A 31 5.73 17.77 5.53
CA GLY A 31 4.57 18.61 5.76
C GLY A 31 3.25 17.98 5.33
N GLY A 32 3.12 16.66 5.44
CA GLY A 32 1.84 16.01 5.20
C GLY A 32 1.57 15.76 3.72
N GLU A 33 2.59 15.42 2.94
CA GLU A 33 2.46 15.13 1.52
C GLU A 33 2.25 13.65 1.19
N CYS A 34 1.55 13.42 0.06
CA CYS A 34 1.34 12.12 -0.57
C CYS A 34 2.47 11.87 -1.55
N GLY A 35 3.69 11.78 -0.99
CA GLY A 35 4.89 11.59 -1.77
C GLY A 35 5.62 10.30 -1.43
N GLU A 36 6.92 10.27 -1.79
CA GLU A 36 7.70 9.05 -1.67
C GLU A 36 7.60 8.45 -0.27
N GLU A 37 7.78 9.27 0.77
CA GLU A 37 7.81 8.70 2.12
C GLU A 37 6.44 8.13 2.55
N ALA A 38 5.35 8.79 2.17
CA ALA A 38 4.03 8.32 2.52
C ALA A 38 3.76 6.98 1.82
N HIS A 39 4.08 6.89 0.54
CA HIS A 39 3.86 5.65 -0.18
C HIS A 39 4.69 4.53 0.43
N SER A 40 5.96 4.89 0.75
CA SER A 40 6.90 3.94 1.32
C SER A 40 6.39 3.43 2.67
N ALA A 41 5.81 4.32 3.47
CA ALA A 41 5.38 3.89 4.79
C ALA A 41 4.30 2.82 4.68
N LEU A 42 3.40 2.93 3.70
CA LEU A 42 2.36 1.94 3.50
C LEU A 42 2.96 0.61 3.07
N ARG A 43 3.94 0.64 2.15
CA ARG A 43 4.60 -0.56 1.71
C ARG A 43 5.29 -1.24 2.89
N LEU A 44 5.96 -0.46 3.74
CA LEU A 44 6.66 -1.04 4.88
C LEU A 44 5.68 -1.71 5.83
N SER A 45 4.49 -1.11 6.03
CA SER A 45 3.48 -1.67 6.92
CA SER A 45 3.51 -1.68 6.94
C SER A 45 3.10 -3.08 6.45
N PHE A 46 2.89 -3.23 5.13
CA PHE A 46 2.56 -4.53 4.58
C PHE A 46 3.71 -5.53 4.78
N HIS A 47 4.93 -5.13 4.38
CA HIS A 47 6.07 -6.05 4.55
C HIS A 47 6.22 -6.48 5.99
N ASP A 48 6.10 -5.56 6.94
CA ASP A 48 6.24 -5.94 8.34
C ASP A 48 5.16 -6.96 8.73
N ALA A 49 3.90 -6.67 8.39
CA ALA A 49 2.77 -7.40 8.93
C ALA A 49 2.63 -8.80 8.35
N ILE A 50 3.03 -8.99 7.08
CA ILE A 50 2.76 -10.23 6.36
C ILE A 50 3.72 -11.33 6.81
N GLY A 51 4.70 -10.96 7.64
CA GLY A 51 5.58 -11.91 8.33
C GLY A 51 4.84 -12.60 9.48
N PHE A 52 3.87 -13.44 9.09
CA PHE A 52 2.90 -13.99 10.01
C PHE A 52 2.18 -15.15 9.33
N SER A 53 1.83 -16.17 10.13
CA SER A 53 0.97 -17.24 9.66
C SER A 53 -0.03 -17.62 10.74
N LEU A 54 -1.23 -18.01 10.31
CA LEU A 54 -2.24 -18.51 11.22
C LEU A 54 -1.88 -19.91 11.69
N ASN A 55 -1.09 -20.61 10.89
CA ASN A 55 -0.89 -22.04 11.04
C ASN A 55 0.44 -22.28 11.74
N SER A 56 1.52 -21.83 11.11
CA SER A 56 2.89 -22.03 11.57
C SER A 56 3.44 -20.72 12.13
N ASN A 57 4.67 -20.80 12.66
CA ASN A 57 5.37 -19.63 13.15
C ASN A 57 6.17 -19.04 12.00
N LYS A 58 5.63 -17.98 11.40
CA LYS A 58 6.34 -17.28 10.35
C LYS A 58 6.54 -15.83 10.77
N GLY A 59 6.61 -15.60 12.10
CA GLY A 59 6.86 -14.29 12.64
C GLY A 59 5.69 -13.78 13.46
N GLY A 60 5.93 -12.66 14.12
CA GLY A 60 4.97 -12.05 15.01
C GLY A 60 4.06 -11.03 14.33
N GLY A 61 4.02 -11.02 13.00
CA GLY A 61 3.10 -10.13 12.26
C GLY A 61 3.53 -8.67 12.34
N ALA A 62 2.58 -7.80 12.71
CA ALA A 62 2.75 -6.36 12.76
C ALA A 62 3.46 -5.96 14.06
N ASP A 63 4.71 -6.41 14.16
CA ASP A 63 5.51 -6.35 15.37
C ASP A 63 6.69 -5.40 15.24
N GLY A 64 6.90 -4.81 14.05
CA GLY A 64 8.04 -3.94 13.80
C GLY A 64 9.36 -4.71 13.69
N SER A 65 9.30 -6.02 13.47
CA SER A 65 10.47 -6.87 13.22
C SER A 65 11.32 -6.32 12.08
N ILE A 66 10.69 -5.78 11.06
CA ILE A 66 11.42 -5.29 9.89
C ILE A 66 12.31 -4.09 10.25
N LEU A 67 12.05 -3.38 11.37
CA LEU A 67 12.96 -2.37 11.91
C LEU A 67 13.98 -2.94 12.90
N LEU A 68 13.49 -3.59 13.96
CA LEU A 68 14.44 -4.07 14.97
C LEU A 68 15.41 -5.10 14.37
N PHE A 69 14.91 -6.00 13.51
CA PHE A 69 15.74 -6.98 12.84
C PHE A 69 15.95 -6.59 11.38
N ASN A 70 16.26 -5.32 11.18
CA ASN A 70 16.45 -4.76 9.85
C ASN A 70 17.55 -5.51 9.10
N ALA A 71 18.69 -5.71 9.77
CA ALA A 71 19.81 -6.32 9.07
C ALA A 71 19.42 -7.69 8.52
N THR A 72 18.69 -8.51 9.28
CA THR A 72 18.27 -9.84 8.81
C THR A 72 17.20 -9.74 7.71
N GLU A 73 16.15 -8.98 7.98
CA GLU A 73 15.03 -8.97 7.05
C GLU A 73 15.41 -8.29 5.72
N LEU A 74 16.39 -7.38 5.73
CA LEU A 74 16.79 -6.72 4.50
C LEU A 74 17.63 -7.64 3.61
N THR A 75 18.03 -8.81 4.12
CA THR A 75 18.70 -9.81 3.27
C THR A 75 17.73 -10.56 2.37
N PHE A 76 16.41 -10.46 2.59
CA PHE A 76 15.46 -11.24 1.82
C PHE A 76 15.12 -10.54 0.50
N HIS A 77 15.02 -11.32 -0.58
CA HIS A 77 14.89 -10.71 -1.90
C HIS A 77 13.61 -9.88 -2.03
N ALA A 78 12.52 -10.32 -1.43
CA ALA A 78 11.26 -9.61 -1.58
C ALA A 78 11.24 -8.31 -0.78
N ASN A 79 12.27 -8.07 0.04
CA ASN A 79 12.41 -6.80 0.72
C ASN A 79 13.32 -5.87 -0.06
N GLY A 80 13.54 -6.13 -1.36
CA GLY A 80 14.25 -5.16 -2.17
C GLY A 80 13.57 -3.79 -2.09
N GLY A 81 14.37 -2.74 -1.98
CA GLY A 81 13.84 -1.38 -1.90
C GLY A 81 13.49 -0.96 -0.48
N ILE A 82 13.40 -1.94 0.45
CA ILE A 82 13.00 -1.58 1.80
C ILE A 82 14.11 -0.84 2.52
N ASP A 83 15.38 -1.11 2.18
CA ASP A 83 16.46 -0.45 2.89
C ASP A 83 16.35 1.08 2.76
N ASP A 84 16.00 1.56 1.56
CA ASP A 84 15.85 3.01 1.37
C ASP A 84 14.74 3.57 2.28
N ILE A 85 13.67 2.79 2.45
CA ILE A 85 12.55 3.20 3.28
C ILE A 85 12.97 3.27 4.75
N THR A 86 13.54 2.20 5.32
CA THR A 86 13.89 2.21 6.73
C THR A 86 15.00 3.22 7.04
N SER A 87 15.95 3.39 6.11
CA SER A 87 17.01 4.38 6.28
C SER A 87 16.44 5.76 6.53
N ARG A 88 15.38 6.09 5.79
CA ARG A 88 14.74 7.39 5.91
C ARG A 88 13.87 7.44 7.16
N GLN A 89 13.26 6.33 7.57
CA GLN A 89 12.41 6.36 8.76
C GLN A 89 13.19 6.43 10.07
N PHE A 90 14.38 5.82 10.13
CA PHE A 90 15.03 5.62 11.42
C PHE A 90 15.25 6.94 12.17
N PRO A 91 15.79 8.02 11.54
CA PRO A 91 16.02 9.26 12.26
C PRO A 91 14.77 9.79 12.94
N VAL A 92 13.60 9.60 12.30
CA VAL A 92 12.37 10.02 12.91
C VAL A 92 11.95 9.10 14.06
N PHE A 93 11.95 7.78 13.84
CA PHE A 93 11.60 6.79 14.83
C PHE A 93 12.38 6.98 16.13
N GLU A 94 13.67 7.29 15.98
CA GLU A 94 14.57 7.39 17.12
C GLU A 94 14.15 8.44 18.14
N THR A 95 13.32 9.45 17.80
CA THR A 95 12.92 10.48 18.74
C THR A 95 11.48 10.26 19.22
N THR A 96 10.89 9.11 18.92
CA THR A 96 9.47 8.89 19.23
C THR A 96 9.24 8.09 20.51
N GLY A 97 10.16 7.24 20.94
CA GLY A 97 9.96 6.39 22.10
C GLY A 97 8.99 5.23 21.84
N LEU A 98 8.54 5.07 20.60
CA LEU A 98 7.52 4.06 20.33
C LEU A 98 8.17 2.70 20.12
N THR A 99 7.43 1.59 20.31
CA THR A 99 7.90 0.29 19.87
C THR A 99 8.06 0.36 18.36
N PRO A 100 8.92 -0.48 17.78
CA PRO A 100 9.03 -0.44 16.32
C PRO A 100 7.71 -0.72 15.61
N GLY A 101 6.92 -1.65 16.16
CA GLY A 101 5.66 -2.00 15.54
C GLY A 101 4.67 -0.84 15.61
N ASP A 102 4.56 -0.18 16.76
CA ASP A 102 3.64 0.94 16.81
C ASP A 102 4.10 2.04 15.87
N PHE A 103 5.41 2.23 15.74
CA PHE A 103 5.89 3.25 14.79
C PHE A 103 5.60 2.88 13.33
N VAL A 104 5.89 1.67 12.92
CA VAL A 104 5.71 1.28 11.51
C VAL A 104 4.25 1.46 11.09
N HIS A 105 3.36 0.95 11.96
CA HIS A 105 1.92 0.93 11.66
C HIS A 105 1.29 2.31 11.74
N LEU A 106 1.72 3.16 12.68
CA LEU A 106 1.29 4.54 12.73
C LEU A 106 1.73 5.29 11.47
N ALA A 107 3.00 5.15 11.12
CA ALA A 107 3.50 5.84 9.95
C ALA A 107 2.73 5.39 8.70
N GLY A 108 2.42 4.10 8.61
CA GLY A 108 1.68 3.65 7.44
C GLY A 108 0.28 4.25 7.38
N ALA A 109 -0.40 4.33 8.50
CA ALA A 109 -1.74 4.94 8.54
C ALA A 109 -1.68 6.45 8.28
N VAL A 110 -0.77 7.18 8.92
CA VAL A 110 -0.63 8.61 8.71
C VAL A 110 -0.28 8.90 7.26
N GLY A 111 0.71 8.19 6.73
CA GLY A 111 1.10 8.37 5.35
C GLY A 111 -0.07 8.19 4.37
N THR A 112 -0.85 7.14 4.57
CA THR A 112 -2.00 6.87 3.72
C THR A 112 -2.99 8.04 3.78
N ALA A 113 -3.19 8.60 4.99
CA ALA A 113 -4.14 9.68 5.20
C ALA A 113 -3.75 10.94 4.42
N ASN A 114 -2.46 11.06 4.05
CA ASN A 114 -1.99 12.22 3.29
C ASN A 114 -2.39 12.17 1.83
N CYS A 115 -2.97 11.06 1.38
CA CYS A 115 -3.31 10.91 -0.03
C CYS A 115 -4.80 11.14 -0.27
N PRO A 116 -5.19 12.19 -1.03
CA PRO A 116 -6.60 12.48 -1.23
C PRO A 116 -7.36 11.26 -1.72
N GLY A 117 -8.53 11.02 -1.11
CA GLY A 117 -9.34 9.86 -1.46
C GLY A 117 -9.15 8.70 -0.50
N ALA A 118 -8.06 8.68 0.28
CA ALA A 118 -7.76 7.54 1.15
C ALA A 118 -8.74 7.46 2.31
N PRO A 119 -8.97 6.25 2.84
CA PRO A 119 -9.64 6.14 4.11
C PRO A 119 -8.79 6.68 5.25
N ARG A 120 -9.49 7.05 6.34
CA ARG A 120 -8.85 7.30 7.59
C ARG A 120 -8.79 5.95 8.29
N LEU A 121 -7.62 5.31 8.27
CA LEU A 121 -7.47 3.95 8.76
C LEU A 121 -7.65 3.88 10.28
N GLN A 122 -8.21 2.76 10.74
CA GLN A 122 -8.19 2.43 12.16
C GLN A 122 -6.76 2.42 12.67
N PHE A 123 -6.51 2.93 13.88
CA PHE A 123 -5.21 2.80 14.52
C PHE A 123 -5.39 2.26 15.94
N MET A 124 -5.16 0.96 16.05
CA MET A 124 -4.99 0.32 17.35
C MET A 124 -3.54 0.50 17.78
N PHE A 125 -3.36 0.67 19.09
CA PHE A 125 -2.08 1.04 19.65
C PHE A 125 -1.67 0.06 20.75
N GLY A 126 -0.45 -0.46 20.66
CA GLY A 126 0.05 -1.34 21.70
C GLY A 126 0.65 -2.62 21.10
N ARG A 127 1.78 -2.47 20.41
CA ARG A 127 2.47 -3.59 19.79
C ARG A 127 3.78 -3.84 20.53
N PRO A 128 3.85 -4.91 21.35
CA PRO A 128 5.08 -5.19 22.09
C PRO A 128 6.25 -5.34 21.12
N PRO A 129 7.48 -5.09 21.62
CA PRO A 129 8.66 -5.29 20.78
C PRO A 129 8.74 -6.69 20.21
N PRO A 130 9.32 -6.85 19.01
CA PRO A 130 9.40 -8.14 18.32
C PRO A 130 10.49 -8.99 18.98
N ILE A 131 10.26 -10.30 18.93
CA ILE A 131 11.02 -11.34 19.61
C ILE A 131 12.03 -11.94 18.64
N ALA A 132 11.67 -11.94 17.36
CA ALA A 132 12.45 -12.61 16.33
C ALA A 132 12.15 -12.01 14.97
N PRO A 133 13.07 -12.11 13.99
CA PRO A 133 12.82 -11.69 12.62
C PRO A 133 11.83 -12.67 12.00
N ALA A 134 11.08 -12.16 11.02
CA ALA A 134 10.34 -13.04 10.15
C ALA A 134 11.34 -13.94 9.43
N PRO A 135 10.94 -15.18 9.07
CA PRO A 135 11.75 -15.99 8.16
C PRO A 135 11.66 -15.40 6.76
N ASP A 136 12.47 -15.91 5.85
CA ASP A 136 12.41 -15.55 4.46
C ASP A 136 11.13 -16.12 3.84
N LEU A 137 10.70 -15.49 2.73
CA LEU A 137 9.66 -15.96 1.84
C LEU A 137 8.26 -15.66 2.38
N THR A 138 8.12 -14.73 3.35
CA THR A 138 6.78 -14.38 3.80
C THR A 138 6.14 -13.37 2.86
N VAL A 139 6.97 -12.62 2.14
CA VAL A 139 6.44 -11.55 1.32
C VAL A 139 6.33 -12.04 -0.11
N PRO A 140 5.15 -11.87 -0.76
CA PRO A 140 4.97 -12.21 -2.17
C PRO A 140 5.89 -11.45 -3.12
N GLU A 141 6.30 -12.12 -4.21
CA GLU A 141 7.12 -11.52 -5.23
C GLU A 141 6.27 -11.12 -6.43
N PRO A 142 6.65 -10.08 -7.21
CA PRO A 142 5.88 -9.70 -8.37
C PRO A 142 5.88 -10.73 -9.50
N THR A 143 6.82 -11.70 -9.44
CA THR A 143 6.86 -12.80 -10.39
C THR A 143 5.98 -13.97 -9.94
N ASP A 144 5.36 -13.90 -8.76
CA ASP A 144 4.49 -14.94 -8.27
C ASP A 144 3.24 -15.06 -9.14
N ASP A 145 2.75 -16.30 -9.27
CA ASP A 145 1.47 -16.56 -9.89
C ASP A 145 0.34 -16.42 -8.88
N VAL A 146 -0.90 -16.41 -9.37
CA VAL A 146 -2.03 -16.16 -8.50
C VAL A 146 -2.17 -17.28 -7.46
N ASP A 147 -1.87 -18.54 -7.86
CA ASP A 147 -1.88 -19.63 -6.87
C ASP A 147 -1.01 -19.30 -5.66
N ALA A 148 0.22 -18.87 -5.91
CA ALA A 148 1.18 -18.59 -4.86
C ALA A 148 0.74 -17.39 -4.02
N ILE A 149 0.26 -16.34 -4.72
CA ILE A 149 -0.22 -15.14 -4.04
C ILE A 149 -1.36 -15.49 -3.11
N LEU A 150 -2.36 -16.20 -3.65
CA LEU A 150 -3.55 -16.50 -2.88
C LEU A 150 -3.20 -17.43 -1.72
N ALA A 151 -2.21 -18.30 -1.90
CA ALA A 151 -1.81 -19.24 -0.86
C ALA A 151 -1.15 -18.52 0.32
N ARG A 152 -0.25 -17.59 -0.02
CA ARG A 152 0.51 -16.86 0.98
C ARG A 152 -0.46 -16.01 1.79
N PHE A 153 -1.34 -15.25 1.11
CA PHE A 153 -2.32 -14.44 1.83
C PHE A 153 -3.25 -15.29 2.68
N ALA A 154 -3.69 -16.43 2.17
CA ALA A 154 -4.65 -17.24 2.92
C ALA A 154 -4.00 -17.78 4.20
N ASP A 155 -2.72 -18.12 4.07
CA ASP A 155 -1.96 -18.62 5.21
C ASP A 155 -1.93 -17.59 6.33
N ALA A 156 -1.91 -16.29 5.98
CA ALA A 156 -1.92 -15.20 6.95
C ALA A 156 -3.33 -14.79 7.38
N GLY A 157 -4.35 -15.33 6.71
CA GLY A 157 -5.74 -15.09 7.12
C GLY A 157 -6.59 -14.24 6.17
N PHE A 158 -6.17 -14.02 4.93
CA PHE A 158 -6.88 -13.16 3.98
C PHE A 158 -7.38 -13.98 2.79
N ASP A 159 -8.64 -13.78 2.43
CA ASP A 159 -9.25 -14.44 1.29
C ASP A 159 -9.05 -13.60 0.02
N ALA A 160 -9.51 -14.08 -1.15
CA ALA A 160 -9.26 -13.41 -2.42
C ALA A 160 -9.79 -11.97 -2.43
N SER A 161 -10.99 -11.76 -1.85
CA SER A 161 -11.59 -10.44 -1.75
C SER A 161 -10.63 -9.48 -1.06
N GLU A 162 -10.00 -9.97 0.00
CA GLU A 162 -9.12 -9.14 0.81
C GLU A 162 -7.81 -8.87 0.09
N VAL A 163 -7.34 -9.82 -0.73
CA VAL A 163 -6.14 -9.59 -1.48
C VAL A 163 -6.34 -8.43 -2.45
N VAL A 164 -7.43 -8.48 -3.24
CA VAL A 164 -7.72 -7.39 -4.15
C VAL A 164 -7.88 -6.06 -3.38
N ALA A 165 -8.59 -6.10 -2.25
CA ALA A 165 -8.77 -4.91 -1.43
C ALA A 165 -7.42 -4.32 -1.10
N LEU A 166 -6.48 -5.17 -0.63
CA LEU A 166 -5.20 -4.65 -0.20
C LEU A 166 -4.36 -4.15 -1.35
N LEU A 167 -4.51 -4.70 -2.55
CA LEU A 167 -3.79 -4.21 -3.73
C LEU A 167 -4.24 -2.82 -4.20
N SER A 168 -5.32 -2.29 -3.62
CA SER A 168 -5.72 -0.91 -3.84
C SER A 168 -4.55 0.02 -3.56
N SER A 169 -3.65 -0.39 -2.67
CA SER A 169 -2.47 0.40 -2.30
C SER A 169 -1.68 0.85 -3.53
N HIS A 170 -1.72 0.06 -4.61
CA HIS A 170 -0.93 0.35 -5.79
C HIS A 170 -1.45 1.58 -6.53
N THR A 171 -2.56 2.16 -6.06
CA THR A 171 -3.02 3.46 -6.59
C THR A 171 -2.11 4.61 -6.21
N ILE A 172 -1.27 4.44 -5.17
CA ILE A 172 -0.32 5.46 -4.71
C ILE A 172 1.08 4.83 -4.59
N ALA A 173 1.54 4.19 -5.65
CA ALA A 173 2.73 3.35 -5.54
C ALA A 173 3.61 3.54 -6.78
N ALA A 174 4.93 3.54 -6.54
CA ALA A 174 5.91 3.52 -7.60
C ALA A 174 7.00 2.50 -7.29
N ALA A 175 7.77 2.13 -8.34
CA ALA A 175 8.87 1.16 -8.23
C ALA A 175 10.21 1.86 -8.34
N ASP A 176 11.13 1.47 -7.44
CA ASP A 176 12.52 1.94 -7.43
C ASP A 176 13.49 0.85 -7.82
N VAL A 177 13.16 -0.43 -7.60
CA VAL A 177 14.16 -1.48 -7.73
C VAL A 177 13.76 -2.53 -8.77
N VAL A 178 12.52 -2.54 -9.30
CA VAL A 178 12.21 -3.44 -10.39
C VAL A 178 13.04 -3.07 -11.64
N ASP A 179 13.23 -1.76 -11.85
CA ASP A 179 14.13 -1.26 -12.88
C ASP A 179 14.88 -0.07 -12.30
N VAL A 180 16.15 -0.30 -11.92
CA VAL A 180 16.89 0.72 -11.19
C VAL A 180 17.27 1.91 -12.08
N THR A 181 17.07 1.81 -13.40
CA THR A 181 17.31 2.94 -14.30
C THR A 181 16.20 3.98 -14.26
N ILE A 182 15.03 3.61 -13.71
CA ILE A 182 13.88 4.50 -13.70
C ILE A 182 13.25 4.45 -12.31
N PRO A 183 13.95 4.92 -11.27
CA PRO A 183 13.34 5.00 -9.94
C PRO A 183 12.13 5.92 -9.92
N GLY A 184 11.20 5.59 -9.03
CA GLY A 184 9.99 6.37 -8.90
C GLY A 184 8.96 6.21 -10.02
N THR A 185 8.96 5.07 -10.73
CA THR A 185 8.02 4.86 -11.83
C THR A 185 6.66 4.39 -11.29
N PRO A 186 5.59 5.18 -11.42
CA PRO A 186 4.30 4.80 -10.85
C PRO A 186 3.55 3.67 -11.52
N PHE A 187 2.60 3.11 -10.75
CA PHE A 187 1.76 2.03 -11.24
C PHE A 187 0.46 2.61 -11.81
N ASP A 188 0.15 3.89 -11.53
CA ASP A 188 -0.98 4.51 -12.20
C ASP A 188 -0.64 5.95 -12.54
N SER A 189 -1.52 6.57 -13.32
CA SER A 189 -1.31 7.95 -13.74
C SER A 189 -1.72 9.02 -12.71
N THR A 190 -2.15 8.63 -11.51
CA THR A 190 -2.52 9.48 -10.39
C THR A 190 -1.83 8.97 -9.12
N VAL A 191 -0.51 8.98 -9.11
CA VAL A 191 0.24 8.43 -7.98
C VAL A 191 0.08 9.26 -6.70
N GLY A 192 -0.41 10.51 -6.80
CA GLY A 192 -0.70 11.31 -5.62
C GLY A 192 -2.17 11.30 -5.23
N THR A 193 -2.97 10.37 -5.80
CA THR A 193 -4.41 10.29 -5.52
C THR A 193 -4.76 8.84 -5.20
N PHE A 194 -5.45 8.65 -4.08
CA PHE A 194 -5.96 7.36 -3.67
C PHE A 194 -7.31 7.15 -4.34
N ASP A 195 -7.26 6.82 -5.64
CA ASP A 195 -8.44 6.61 -6.49
C ASP A 195 -8.37 5.20 -7.08
N THR A 196 -9.29 4.87 -8.01
CA THR A 196 -9.41 3.53 -8.56
C THR A 196 -8.70 3.45 -9.93
N GLN A 197 -7.89 4.46 -10.26
CA GLN A 197 -7.27 4.55 -11.59
C GLN A 197 -6.43 3.31 -11.90
N VAL A 198 -5.65 2.82 -10.94
CA VAL A 198 -4.83 1.64 -11.16
C VAL A 198 -5.67 0.44 -11.58
N PHE A 199 -6.91 0.28 -11.08
CA PHE A 199 -7.70 -0.88 -11.47
C PHE A 199 -8.04 -0.81 -12.95
N LEU A 200 -8.35 0.38 -13.43
CA LEU A 200 -8.61 0.54 -14.86
C LEU A 200 -7.33 0.32 -15.68
N GLU A 201 -6.26 1.01 -15.28
CA GLU A 201 -5.07 1.04 -16.14
C GLU A 201 -4.42 -0.34 -16.28
N VAL A 202 -4.49 -1.22 -15.27
CA VAL A 202 -3.92 -2.55 -15.38
C VAL A 202 -4.72 -3.39 -16.39
N LEU A 203 -6.01 -3.05 -16.61
CA LEU A 203 -6.86 -3.77 -17.56
C LEU A 203 -6.68 -3.34 -19.02
N LEU A 204 -5.93 -2.27 -19.27
CA LEU A 204 -5.64 -1.80 -20.62
C LEU A 204 -4.64 -2.75 -21.29
N ALA A 205 -4.73 -2.87 -22.61
CA ALA A 205 -3.72 -3.66 -23.28
C ALA A 205 -2.35 -3.01 -23.10
N GLY A 206 -1.37 -3.80 -22.65
CA GLY A 206 -0.02 -3.32 -22.48
C GLY A 206 0.68 -3.25 -23.84
N ARG A 207 1.54 -2.23 -23.98
CA ARG A 207 2.20 -1.96 -25.26
C ARG A 207 3.70 -1.75 -25.13
N SER A 208 4.20 -1.28 -23.99
CA SER A 208 5.62 -0.99 -23.92
C SER A 208 6.15 -1.16 -22.50
N PHE A 209 7.47 -1.29 -22.38
CA PHE A 209 8.12 -1.21 -21.09
C PHE A 209 8.57 0.24 -20.82
N PRO A 210 8.50 0.71 -19.57
CA PRO A 210 8.86 2.10 -19.28
C PRO A 210 10.32 2.51 -19.20
N GLY A 211 11.23 1.53 -19.04
CA GLY A 211 12.61 1.88 -18.77
C GLY A 211 13.56 1.11 -19.68
N ASN A 212 14.45 0.34 -19.04
CA ASN A 212 15.49 -0.41 -19.71
C ASN A 212 14.97 -1.74 -20.22
N GLY A 213 13.91 -1.70 -21.00
CA GLY A 213 13.26 -2.90 -21.47
C GLY A 213 12.68 -3.77 -20.35
N SER A 214 12.47 -5.05 -20.72
CA SER A 214 11.91 -6.10 -19.90
C SER A 214 12.76 -6.37 -18.66
N GLN A 215 12.13 -6.35 -17.48
CA GLN A 215 12.81 -6.64 -16.24
C GLN A 215 11.93 -7.63 -15.48
N PRO A 216 12.50 -8.58 -14.71
CA PRO A 216 11.66 -9.58 -14.04
C PRO A 216 10.73 -8.88 -13.07
N GLY A 217 9.45 -9.28 -13.09
CA GLY A 217 8.48 -8.69 -12.19
C GLY A 217 7.54 -7.72 -12.89
N GLU A 218 7.91 -7.21 -14.07
CA GLU A 218 7.00 -6.36 -14.81
C GLU A 218 6.56 -7.03 -16.11
N VAL A 219 5.46 -6.52 -16.64
CA VAL A 219 4.94 -6.87 -17.96
C VAL A 219 4.69 -5.58 -18.75
N LEU A 220 4.31 -5.70 -20.03
CA LEU A 220 4.03 -4.53 -20.85
C LEU A 220 2.99 -3.65 -20.17
N SER A 221 3.25 -2.34 -20.23
CA SER A 221 2.40 -1.33 -19.64
C SER A 221 1.71 -0.49 -20.73
N PRO A 222 0.56 0.14 -20.44
CA PRO A 222 -0.15 0.92 -21.44
C PRO A 222 0.32 2.35 -21.68
N LEU A 223 1.17 2.90 -20.78
CA LEU A 223 1.54 4.31 -20.82
C LEU A 223 3.04 4.46 -20.65
N ALA A 224 3.64 5.43 -21.37
CA ALA A 224 5.01 5.88 -21.11
C ALA A 224 5.09 6.36 -19.68
N GLY A 225 6.15 5.93 -18.98
CA GLY A 225 6.37 6.33 -17.60
C GLY A 225 5.58 5.53 -16.57
N GLU A 226 4.76 4.57 -16.98
CA GLU A 226 3.99 3.72 -16.06
C GLU A 226 4.54 2.31 -16.11
N MET A 227 4.69 1.70 -14.95
CA MET A 227 5.06 0.31 -14.80
C MET A 227 3.83 -0.52 -14.44
N ARG A 228 3.78 -1.73 -14.99
CA ARG A 228 2.77 -2.72 -14.68
C ARG A 228 3.44 -3.96 -14.08
N LEU A 229 3.11 -4.31 -12.85
CA LEU A 229 3.64 -5.50 -12.22
C LEU A 229 3.00 -6.76 -12.82
N GLN A 230 3.79 -7.82 -12.95
CA GLN A 230 3.27 -9.09 -13.44
C GLN A 230 2.18 -9.64 -12.51
N SER A 231 2.32 -9.41 -11.20
CA SER A 231 1.39 -9.89 -10.18
C SER A 231 0.05 -9.16 -10.32
N ASP A 232 0.07 -7.85 -10.58
CA ASP A 232 -1.18 -7.11 -10.71
C ASP A 232 -1.88 -7.59 -11.99
N PHE A 233 -1.09 -7.81 -13.05
CA PHE A 233 -1.65 -8.26 -14.32
C PHE A 233 -2.38 -9.59 -14.11
N VAL A 234 -1.73 -10.57 -13.48
CA VAL A 234 -2.38 -11.87 -13.37
C VAL A 234 -3.58 -11.82 -12.41
N VAL A 235 -3.49 -11.08 -11.31
CA VAL A 235 -4.61 -10.97 -10.37
C VAL A 235 -5.81 -10.31 -11.07
N SER A 236 -5.58 -9.28 -11.89
CA SER A 236 -6.65 -8.60 -12.57
C SER A 236 -7.40 -9.52 -13.53
N ARG A 237 -6.74 -10.56 -14.05
CA ARG A 237 -7.29 -11.36 -15.12
C ARG A 237 -7.67 -12.79 -14.73
N ASP A 238 -7.23 -13.28 -13.58
CA ASP A 238 -7.52 -14.61 -13.11
C ASP A 238 -9.00 -14.78 -12.76
N SER A 239 -9.56 -15.96 -13.02
CA SER A 239 -10.98 -16.21 -12.74
CA SER A 239 -10.98 -16.22 -12.74
C SER A 239 -11.34 -16.03 -11.27
N ARG A 240 -10.38 -16.23 -10.36
CA ARG A 240 -10.69 -16.16 -8.93
C ARG A 240 -10.84 -14.72 -8.47
N THR A 241 -10.18 -13.77 -9.16
CA THR A 241 -10.02 -12.42 -8.67
C THR A 241 -10.55 -11.38 -9.66
N ALA A 242 -10.85 -11.76 -10.91
CA ALA A 242 -11.12 -10.78 -11.95
C ALA A 242 -12.38 -9.95 -11.66
N CYS A 243 -13.43 -10.59 -11.17
CA CYS A 243 -14.68 -9.88 -10.89
C CYS A 243 -14.47 -8.92 -9.74
N LEU A 244 -13.69 -9.34 -8.74
CA LEU A 244 -13.33 -8.47 -7.61
C LEU A 244 -12.55 -7.24 -8.10
N TRP A 245 -11.58 -7.47 -9.00
CA TRP A 245 -10.76 -6.40 -9.55
C TRP A 245 -11.64 -5.42 -10.32
N GLN A 246 -12.49 -5.93 -11.23
CA GLN A 246 -13.31 -5.08 -12.08
C GLN A 246 -14.28 -4.23 -11.24
N ALA A 247 -14.77 -4.82 -10.18
CA ALA A 247 -15.75 -4.14 -9.33
C ALA A 247 -15.16 -2.86 -8.71
N MET A 248 -13.83 -2.81 -8.55
CA MET A 248 -13.18 -1.64 -7.99
C MET A 248 -13.17 -0.47 -8.97
N VAL A 249 -13.20 -0.78 -10.28
CA VAL A 249 -13.01 0.22 -11.31
C VAL A 249 -14.10 1.28 -11.23
N ASN A 250 -13.68 2.50 -10.96
CA ASN A 250 -14.60 3.63 -10.83
C ASN A 250 -15.63 3.40 -9.70
N ASN A 251 -15.24 2.65 -8.67
CA ASN A 251 -16.08 2.48 -7.50
C ASN A 251 -15.27 2.88 -6.26
N GLN A 252 -15.18 4.17 -6.06
CA GLN A 252 -14.31 4.75 -5.03
C GLN A 252 -14.66 4.18 -3.66
N GLN A 253 -15.95 4.14 -3.32
CA GLN A 253 -16.36 3.66 -2.01
C GLN A 253 -16.08 2.19 -1.81
N LEU A 254 -16.24 1.34 -2.84
CA LEU A 254 -15.97 -0.06 -2.64
C LEU A 254 -14.50 -0.22 -2.36
N MET A 255 -13.66 0.52 -3.12
CA MET A 255 -12.21 0.40 -2.90
C MET A 255 -11.86 0.82 -1.47
N VAL A 256 -12.31 2.00 -1.06
CA VAL A 256 -11.87 2.55 0.22
C VAL A 256 -12.39 1.68 1.37
N SER A 257 -13.65 1.24 1.29
CA SER A 257 -14.23 0.47 2.36
C SER A 257 -13.56 -0.89 2.48
N SER A 258 -13.27 -1.50 1.33
CA SER A 258 -12.67 -2.82 1.28
C SER A 258 -11.25 -2.75 1.87
N PHE A 259 -10.50 -1.77 1.38
CA PHE A 259 -9.15 -1.49 1.86
C PHE A 259 -9.12 -1.18 3.35
N ALA A 260 -10.02 -0.32 3.82
CA ALA A 260 -10.03 0.07 5.25
C ALA A 260 -10.18 -1.18 6.11
N ALA A 261 -11.16 -2.02 5.76
CA ALA A 261 -11.45 -3.23 6.53
C ALA A 261 -10.26 -4.19 6.52
N ALA A 262 -9.64 -4.40 5.36
CA ALA A 262 -8.52 -5.33 5.24
C ALA A 262 -7.29 -4.81 5.98
N MET A 263 -7.05 -3.49 5.90
CA MET A 263 -5.92 -2.89 6.60
C MET A 263 -6.09 -2.99 8.10
N ALA A 264 -7.34 -2.88 8.61
CA ALA A 264 -7.53 -2.98 10.06
C ALA A 264 -7.08 -4.36 10.56
N LYS A 265 -7.29 -5.40 9.73
CA LYS A 265 -6.82 -6.73 10.07
C LYS A 265 -5.30 -6.83 9.89
N LEU A 266 -4.81 -6.34 8.76
CA LEU A 266 -3.40 -6.51 8.46
C LEU A 266 -2.53 -5.91 9.56
N GLN A 267 -2.93 -4.71 10.05
CA GLN A 267 -2.07 -3.91 10.90
C GLN A 267 -2.08 -4.44 12.34
N VAL A 268 -2.88 -5.48 12.63
CA VAL A 268 -2.85 -6.12 13.94
C VAL A 268 -2.53 -7.61 13.86
N LEU A 269 -2.02 -8.09 12.73
CA LEU A 269 -1.62 -9.49 12.64
C LEU A 269 -0.62 -9.82 13.74
N GLY A 270 -0.85 -10.91 14.45
CA GLY A 270 0.07 -11.33 15.50
C GLY A 270 -0.17 -10.63 16.82
N GLN A 271 -1.07 -9.65 16.87
CA GLN A 271 -1.22 -8.83 18.07
C GLN A 271 -2.47 -9.29 18.83
N ASN A 272 -2.48 -9.00 20.10
CA ASN A 272 -3.62 -9.32 20.93
C ASN A 272 -4.50 -8.08 21.01
N VAL A 273 -5.56 -8.04 20.22
CA VAL A 273 -6.31 -6.80 20.07
C VAL A 273 -7.00 -6.41 21.37
N ASN A 274 -7.26 -7.39 22.24
CA ASN A 274 -7.92 -7.09 23.49
C ASN A 274 -7.02 -6.29 24.43
N THR A 275 -5.71 -6.33 24.22
CA THR A 275 -4.76 -5.63 25.07
C THR A 275 -4.32 -4.31 24.42
N MET A 276 -4.89 -3.99 23.25
CA MET A 276 -4.55 -2.76 22.55
C MET A 276 -5.58 -1.68 22.87
N VAL A 277 -5.20 -0.41 22.64
CA VAL A 277 -6.08 0.72 22.86
C VAL A 277 -6.44 1.31 21.50
N ASP A 278 -7.72 1.68 21.32
CA ASP A 278 -8.09 2.40 20.10
C ASP A 278 -7.60 3.83 20.16
N CYS A 279 -6.66 4.17 19.23
CA CYS A 279 -6.17 5.53 19.07
C CYS A 279 -6.41 6.03 17.66
N SER A 280 -7.56 5.65 17.07
CA SER A 280 -7.87 6.08 15.72
C SER A 280 -7.96 7.60 15.56
N ASP A 281 -8.27 8.31 16.65
CA ASP A 281 -8.42 9.76 16.56
C ASP A 281 -7.11 10.51 16.34
N VAL A 282 -5.96 9.85 16.37
CA VAL A 282 -4.72 10.58 16.12
C VAL A 282 -4.39 10.61 14.63
N ILE A 283 -5.09 9.82 13.80
CA ILE A 283 -4.83 9.82 12.37
C ILE A 283 -5.43 11.06 11.74
N PRO A 284 -4.66 11.79 10.89
CA PRO A 284 -5.21 12.96 10.21
C PRO A 284 -6.45 12.59 9.39
N GLU A 285 -7.36 13.56 9.26
CA GLU A 285 -8.50 13.39 8.38
C GLU A 285 -8.08 13.59 6.94
N PRO A 286 -8.24 12.57 6.05
CA PRO A 286 -7.82 12.72 4.65
C PRO A 286 -8.72 13.67 3.86
N ALA A 287 -8.13 14.28 2.83
CA ALA A 287 -8.87 15.07 1.85
C ALA A 287 -9.76 14.13 1.04
N PRO A 288 -10.97 14.57 0.66
CA PRO A 288 -11.89 13.75 -0.12
C PRO A 288 -11.49 13.65 -1.59
N PHE A 289 -11.90 12.55 -2.21
CA PHE A 289 -11.80 12.37 -3.64
C PHE A 289 -13.07 11.66 -4.06
N ALA A 290 -13.95 12.39 -4.74
CA ALA A 290 -15.22 11.86 -5.19
C ALA A 290 -15.14 11.54 -6.68
N GLY A 291 -15.24 12.60 -7.51
CA GLY A 291 -15.62 12.54 -8.93
C GLY A 291 -15.14 11.25 -9.53
N PRO A 292 -15.53 10.91 -10.77
CA PRO A 292 -15.15 9.62 -11.33
C PRO A 292 -13.72 9.65 -11.85
N ILE A 293 -13.22 8.45 -12.18
CA ILE A 293 -12.02 8.35 -12.97
C ILE A 293 -12.39 8.51 -14.44
N LYS A 294 -11.34 8.67 -15.26
CA LYS A 294 -11.49 8.74 -16.69
C LYS A 294 -10.42 7.89 -17.36
N PHE A 295 -10.65 7.52 -18.61
CA PHE A 295 -9.60 6.91 -19.39
C PHE A 295 -8.45 7.90 -19.55
N PRO A 296 -7.19 7.41 -19.58
CA PRO A 296 -6.11 8.26 -20.09
C PRO A 296 -6.45 8.69 -21.52
N ALA A 297 -5.96 9.86 -21.88
CA ALA A 297 -6.30 10.41 -23.19
C ALA A 297 -5.87 9.42 -24.27
N SER A 298 -6.77 9.27 -25.26
CA SER A 298 -6.66 8.44 -26.44
C SER A 298 -7.22 7.04 -26.27
N PHE A 299 -7.42 6.56 -25.02
CA PHE A 299 -7.89 5.20 -24.82
C PHE A 299 -9.41 5.10 -24.74
N SER A 300 -9.92 3.89 -24.90
CA SER A 300 -11.35 3.64 -24.86
C SER A 300 -11.61 2.19 -24.50
N MET A 301 -12.88 1.80 -24.44
CA MET A 301 -13.27 0.43 -24.15
C MET A 301 -12.60 -0.56 -25.11
N ALA A 302 -12.28 -0.13 -26.34
CA ALA A 302 -11.61 -1.00 -27.28
C ALA A 302 -10.28 -1.51 -26.74
N ASP A 303 -9.66 -0.75 -25.84
CA ASP A 303 -8.34 -1.06 -25.32
C ASP A 303 -8.43 -1.84 -24.01
N VAL A 304 -9.65 -1.99 -23.48
CA VAL A 304 -9.81 -2.73 -22.23
C VAL A 304 -9.86 -4.22 -22.52
N GLU A 305 -9.06 -5.00 -21.78
CA GLU A 305 -9.06 -6.45 -21.84
C GLU A 305 -9.92 -7.00 -20.71
N GLN A 306 -11.25 -6.98 -20.94
CA GLN A 306 -12.22 -7.26 -19.89
C GLN A 306 -12.22 -8.75 -19.54
N ALA A 307 -12.10 -9.00 -18.23
CA ALA A 307 -11.82 -10.31 -17.66
C ALA A 307 -12.98 -10.88 -16.86
N CYS A 308 -14.06 -10.09 -16.76
CA CYS A 308 -15.23 -10.42 -15.96
C CYS A 308 -16.48 -10.22 -16.82
N ALA A 309 -17.46 -11.09 -16.67
CA ALA A 309 -18.66 -11.01 -17.49
C ALA A 309 -19.59 -9.85 -17.10
N SER A 310 -19.46 -9.28 -15.91
CA SER A 310 -20.28 -8.13 -15.56
C SER A 310 -20.04 -6.97 -16.51
N THR A 311 -21.12 -6.25 -16.83
CA THR A 311 -21.04 -5.04 -17.62
C THR A 311 -19.94 -4.15 -17.05
N PHE A 312 -19.06 -3.70 -17.93
CA PHE A 312 -18.00 -2.80 -17.50
C PHE A 312 -18.58 -1.45 -17.11
N PRO A 313 -18.05 -0.76 -16.09
CA PRO A 313 -18.50 0.59 -15.76
C PRO A 313 -18.32 1.57 -16.91
N GLN A 314 -19.25 2.51 -17.02
CA GLN A 314 -19.14 3.57 -18.01
C GLN A 314 -18.15 4.63 -17.54
N ILE A 315 -17.14 4.92 -18.36
CA ILE A 315 -16.04 5.79 -17.99
C ILE A 315 -15.78 6.73 -19.16
N GLN A 316 -15.63 8.01 -18.85
CA GLN A 316 -15.46 9.04 -19.87
C GLN A 316 -14.12 8.89 -20.59
N THR A 317 -14.14 9.05 -21.93
CA THR A 317 -12.92 9.09 -22.73
C THR A 317 -12.52 10.57 -22.91
N VAL A 318 -11.23 10.77 -23.17
CA VAL A 318 -10.60 12.07 -23.23
C VAL A 318 -9.82 12.16 -24.54
N ALA A 319 -10.13 13.18 -25.34
CA ALA A 319 -9.46 13.34 -26.63
C ALA A 319 -8.08 13.96 -26.42
N GLY A 320 -7.07 13.40 -27.08
CA GLY A 320 -5.75 13.98 -27.03
C GLY A 320 -4.69 12.89 -27.14
N PRO A 321 -3.39 13.27 -27.13
CA PRO A 321 -2.30 12.29 -27.24
C PRO A 321 -2.21 11.46 -25.97
N ALA A 322 -1.80 10.19 -26.08
CA ALA A 322 -1.55 9.40 -24.87
C ALA A 322 -0.60 10.15 -23.95
N PRO A 323 -0.90 10.22 -22.63
CA PRO A 323 -0.06 10.96 -21.69
C PRO A 323 1.20 10.20 -21.30
N THR A 324 2.21 10.94 -20.86
CA THR A 324 3.40 10.39 -20.21
C THR A 324 3.27 10.61 -18.70
N VAL A 325 3.50 9.57 -17.93
CA VAL A 325 3.45 9.67 -16.49
C VAL A 325 4.81 10.12 -15.95
N ALA A 326 4.81 11.17 -15.11
CA ALA A 326 6.04 11.67 -14.52
C ALA A 326 6.50 10.75 -13.38
N PRO A 327 7.82 10.61 -13.14
CA PRO A 327 8.29 9.88 -11.96
C PRO A 327 7.95 10.61 -10.67
N VAL A 328 7.91 9.86 -9.57
CA VAL A 328 7.75 10.47 -8.26
C VAL A 328 9.08 11.08 -7.88
N PRO A 329 9.10 12.36 -7.45
CA PRO A 329 10.30 12.98 -6.87
C PRO A 329 10.89 12.22 -5.67
N GLY A 330 12.21 12.08 -5.68
CA GLY A 330 12.92 11.20 -4.76
C GLY A 330 12.53 11.39 -3.29
N SER A 331 12.24 12.63 -2.87
CA SER A 331 11.78 12.87 -1.51
C SER A 331 10.68 13.95 -1.44
#